data_3MIX
#
_entry.id   3MIX
#
_cell.length_a   84.177
_cell.length_b   84.177
_cell.length_c   118.160
_cell.angle_alpha   90.00
_cell.angle_beta   90.00
_cell.angle_gamma   120.00
#
_symmetry.space_group_name_H-M   'P 65'
#
loop_
_entity.id
_entity.type
_entity.pdbx_description
1 polymer 'Flagellar biosynthesis protein flhA'
2 water water
#
_entity_poly.entity_id   1
_entity_poly.type   'polypeptide(L)'
_entity_poly.pdbx_seq_one_letter_code
;MGHHHHHAYTLSKSGKEKEEVDEILEEEAEVDELKSPESVVQLLHIDPIEFEFGYGLIPLADANQGGDLLDRIVMIRRQL
ALELGLVIPVVRIRDNIALQPNEYRLKIKGNEVAKGELLLDHYLAMSPTPEDDLIEGIETVEPSFGLPAKWISEAVKDEA
DMLGYTVVDPASVVSTHITEKIKQHAHELIGRQETKQLIDHLKESYPVLVEEVTPNPLSVGDIQKVLAKLLKEKVSIRNL
VTIFETLADYGKLTTDSDLLTEYTRQALAKQITAQFAKENEVLKVVTCSGRVEKAIADGVQQTEHGNYLSLEPDISESIV
RSVAKEAEQLSLRQETAILLCSPPVRMYVKQLLERYFPDLPVLSYNELEANVEVQSIGVVDI
;
_entity_poly.pdbx_strand_id   A
#
# COMPACT_ATOMS: atom_id res chain seq x y z
N GLU A 23 11.58 22.10 6.95
CA GLU A 23 12.90 22.70 6.60
C GLU A 23 12.87 23.42 5.25
N ILE A 24 12.32 22.76 4.24
CA ILE A 24 12.17 23.34 2.90
C ILE A 24 10.98 24.31 2.86
N LEU A 25 10.01 24.09 3.75
CA LEU A 25 8.89 25.00 3.98
C LEU A 25 9.38 26.33 4.50
N GLU A 26 10.41 26.27 5.34
CA GLU A 26 11.13 27.45 5.83
C GLU A 26 11.63 28.28 4.65
N GLU A 27 12.20 27.60 3.66
CA GLU A 27 12.71 28.25 2.47
C GLU A 27 11.57 28.80 1.61
N GLU A 28 10.55 27.98 1.36
CA GLU A 28 9.33 28.39 0.65
C GLU A 28 8.74 29.67 1.24
N ALA A 29 8.60 29.70 2.57
CA ALA A 29 8.11 30.89 3.28
C ALA A 29 9.06 32.07 3.11
N GLU A 30 10.36 31.82 3.29
CA GLU A 30 11.36 32.90 3.23
C GLU A 30 11.63 33.38 1.80
N VAL A 31 11.71 32.45 0.85
CA VAL A 31 11.85 32.79 -0.57
C VAL A 31 10.64 33.62 -1.02
N ASP A 32 9.44 33.08 -0.83
CA ASP A 32 8.20 33.81 -1.14
C ASP A 32 7.91 34.91 -0.10
N GLU A 33 6.75 35.55 -0.24
CA GLU A 33 6.39 36.69 0.60
C GLU A 33 5.56 36.34 1.84
N LEU A 34 5.33 35.05 2.09
CA LEU A 34 4.39 34.58 3.14
C LEU A 34 4.61 35.18 4.53
N LYS A 35 3.80 36.20 4.86
CA LYS A 35 3.98 36.96 6.10
C LYS A 35 2.65 37.21 6.85
N SER A 36 1.62 37.55 6.08
CA SER A 36 0.32 37.89 6.64
C SER A 36 -0.42 36.60 7.04
N PRO A 37 -1.41 36.72 7.94
CA PRO A 37 -2.23 35.56 8.30
C PRO A 37 -2.80 34.82 7.09
N GLU A 38 -3.20 35.56 6.05
CA GLU A 38 -3.89 34.98 4.88
C GLU A 38 -2.99 34.14 3.99
N SER A 39 -1.72 34.53 3.86
CA SER A 39 -0.80 33.84 2.98
C SER A 39 0.03 32.75 3.68
N VAL A 40 0.08 32.81 5.01
CA VAL A 40 0.75 31.76 5.79
C VAL A 40 0.00 30.42 5.77
N VAL A 41 -1.32 30.45 5.63
CA VAL A 41 -2.09 29.19 5.51
C VAL A 41 -1.55 28.29 4.40
N GLN A 42 -1.07 28.92 3.32
CA GLN A 42 -0.62 28.17 2.14
C GLN A 42 0.60 27.32 2.48
N LEU A 43 1.36 27.72 3.50
CA LEU A 43 2.41 26.84 4.05
C LEU A 43 1.86 25.51 4.58
N LEU A 44 0.59 25.47 4.93
CA LEU A 44 -0.01 24.24 5.44
C LEU A 44 -0.48 23.39 4.27
N HIS A 45 0.36 22.43 3.88
CA HIS A 45 0.12 21.60 2.72
C HIS A 45 -0.68 20.42 3.16
N ILE A 46 -1.90 20.30 2.65
CA ILE A 46 -2.75 19.18 3.07
C ILE A 46 -3.22 18.32 1.87
N ASP A 47 -2.76 18.68 0.66
CA ASP A 47 -3.11 17.94 -0.54
C ASP A 47 -2.67 16.47 -0.45
N PRO A 48 -3.54 15.55 -0.87
CA PRO A 48 -3.17 14.14 -0.76
C PRO A 48 -1.90 13.76 -1.54
N ILE A 49 -1.70 14.34 -2.72
CA ILE A 49 -0.55 14.01 -3.55
C ILE A 49 0.00 15.26 -4.23
N GLU A 50 1.28 15.51 -4.03
CA GLU A 50 1.92 16.66 -4.61
C GLU A 50 3.16 16.21 -5.36
N PHE A 51 3.28 16.68 -6.60
CA PHE A 51 4.45 16.49 -7.40
C PHE A 51 5.07 17.87 -7.66
N GLU A 52 6.30 18.03 -7.17
CA GLU A 52 7.05 19.26 -7.24
C GLU A 52 8.32 19.09 -8.04
N PHE A 53 8.64 20.11 -8.83
CA PHE A 53 9.78 20.07 -9.76
C PHE A 53 10.52 21.41 -9.85
N GLY A 54 11.81 21.35 -10.18
CA GLY A 54 12.60 22.54 -10.48
C GLY A 54 12.26 23.04 -11.87
N TYR A 55 12.82 24.19 -12.24
CA TYR A 55 12.44 24.88 -13.48
C TYR A 55 12.83 24.13 -14.74
N GLY A 56 13.87 23.30 -14.66
CA GLY A 56 14.28 22.45 -15.78
C GLY A 56 13.22 21.44 -16.20
N LEU A 57 12.30 21.11 -15.29
CA LEU A 57 11.29 20.09 -15.57
C LEU A 57 9.95 20.69 -16.02
N ILE A 58 9.95 21.98 -16.38
CA ILE A 58 8.77 22.66 -16.90
C ILE A 58 8.25 22.09 -18.24
N PRO A 59 9.15 21.74 -19.19
CA PRO A 59 8.66 21.19 -20.47
C PRO A 59 7.77 19.96 -20.33
N LEU A 60 8.12 19.02 -19.45
CA LEU A 60 7.28 17.84 -19.26
C LEU A 60 5.98 18.14 -18.51
N ALA A 61 6.02 19.14 -17.64
CA ALA A 61 4.84 19.51 -16.85
C ALA A 61 3.74 20.28 -17.60
N ASP A 62 4.11 21.11 -18.58
CA ASP A 62 3.14 22.07 -19.13
C ASP A 62 2.10 21.57 -20.17
N ALA A 63 2.56 20.89 -21.22
CA ALA A 63 1.67 20.21 -22.20
C ALA A 63 1.01 21.11 -23.26
N ASN A 64 1.44 22.37 -23.31
CA ASN A 64 1.09 23.26 -24.40
C ASN A 64 2.38 23.46 -25.20
N GLN A 65 3.49 23.16 -24.53
CA GLN A 65 4.81 23.00 -25.16
C GLN A 65 5.18 21.52 -25.15
N GLY A 66 4.20 20.67 -25.51
CA GLY A 66 4.34 19.22 -25.37
C GLY A 66 4.52 18.89 -23.89
N GLY A 67 5.00 17.70 -23.59
CA GLY A 67 5.20 17.37 -22.19
C GLY A 67 4.04 16.58 -21.65
N ASP A 68 4.37 15.40 -21.15
CA ASP A 68 3.44 14.32 -21.02
C ASP A 68 2.76 14.15 -19.66
N LEU A 69 3.15 14.95 -18.67
CA LEU A 69 2.85 14.66 -17.25
C LEU A 69 1.37 14.41 -16.89
N LEU A 70 0.50 15.34 -17.26
CA LEU A 70 -0.94 15.24 -17.03
C LEU A 70 -1.54 13.95 -17.60
N ASP A 71 -1.26 13.68 -18.87
CA ASP A 71 -1.72 12.46 -19.51
C ASP A 71 -1.07 11.25 -18.83
N ARG A 72 0.18 11.38 -18.41
CA ARG A 72 0.81 10.27 -17.70
C ARG A 72 0.16 9.95 -16.34
N ILE A 73 -0.31 11.00 -15.65
CA ILE A 73 -0.96 10.83 -14.37
C ILE A 73 -2.32 10.13 -14.53
N VAL A 74 -3.04 10.53 -15.58
CA VAL A 74 -4.30 9.89 -15.97
C VAL A 74 -4.14 8.37 -16.18
N MET A 75 -3.11 7.99 -16.91
CA MET A 75 -2.72 6.60 -17.10
C MET A 75 -2.50 5.87 -15.79
N ILE A 76 -1.71 6.48 -14.91
CA ILE A 76 -1.44 5.91 -13.60
C ILE A 76 -2.74 5.66 -12.84
N ARG A 77 -3.63 6.66 -12.82
CA ARG A 77 -4.89 6.57 -12.09
C ARG A 77 -5.73 5.42 -12.64
N ARG A 78 -5.71 5.23 -13.97
CA ARG A 78 -6.43 4.11 -14.58
C ARG A 78 -5.81 2.76 -14.25
N GLN A 79 -4.50 2.64 -14.40
CA GLN A 79 -3.81 1.40 -14.05
C GLN A 79 -4.06 0.94 -12.61
N LEU A 80 -3.87 1.87 -11.67
CA LEU A 80 -3.90 1.55 -10.26
C LEU A 80 -5.31 1.31 -9.77
N ALA A 81 -6.30 1.97 -10.39
CA ALA A 81 -7.68 1.66 -10.12
C ALA A 81 -7.99 0.20 -10.46
N LEU A 82 -7.47 -0.28 -11.60
CA LEU A 82 -7.76 -1.64 -12.06
C LEU A 82 -6.94 -2.64 -11.28
N GLU A 83 -5.71 -2.28 -10.94
CA GLU A 83 -4.87 -3.23 -10.21
C GLU A 83 -5.16 -3.23 -8.70
N LEU A 84 -5.48 -2.06 -8.12
CA LEU A 84 -5.59 -1.95 -6.66
C LEU A 84 -7.03 -1.81 -6.18
N GLY A 85 -7.90 -1.27 -7.06
CA GLY A 85 -9.25 -0.90 -6.69
C GLY A 85 -9.30 0.48 -6.05
N LEU A 86 -8.14 1.14 -5.98
CA LEU A 86 -8.00 2.51 -5.47
C LEU A 86 -7.91 3.51 -6.64
N VAL A 87 -8.79 4.50 -6.62
CA VAL A 87 -8.78 5.60 -7.52
C VAL A 87 -8.07 6.76 -6.82
N ILE A 88 -6.87 7.07 -7.28
CA ILE A 88 -6.10 8.14 -6.69
C ILE A 88 -6.75 9.48 -6.96
N PRO A 89 -6.64 10.37 -5.98
CA PRO A 89 -7.19 11.72 -6.14
C PRO A 89 -6.33 12.55 -7.08
N VAL A 90 -6.84 13.75 -7.36
CA VAL A 90 -6.16 14.79 -8.09
C VAL A 90 -4.72 14.95 -7.59
N VAL A 91 -3.77 15.01 -8.52
CA VAL A 91 -2.38 15.32 -8.16
C VAL A 91 -2.11 16.82 -8.28
N ARG A 92 -1.51 17.38 -7.24
CA ARG A 92 -1.17 18.78 -7.26
C ARG A 92 0.22 18.93 -7.88
N ILE A 93 0.31 19.78 -8.89
CA ILE A 93 1.55 19.96 -9.62
C ILE A 93 2.11 21.41 -9.48
N ARG A 94 3.28 21.54 -8.86
CA ARG A 94 3.92 22.85 -8.59
C ARG A 94 5.38 22.88 -9.01
N ASP A 95 5.77 23.91 -9.76
CA ASP A 95 7.19 24.22 -9.88
C ASP A 95 7.69 24.69 -8.52
N ASN A 96 8.91 24.28 -8.18
CA ASN A 96 9.53 24.68 -6.91
C ASN A 96 10.98 25.15 -7.10
N ILE A 97 11.19 26.45 -6.88
CA ILE A 97 12.50 27.11 -7.05
C ILE A 97 13.57 26.63 -6.05
N ALA A 98 13.13 26.16 -4.89
CA ALA A 98 14.03 25.56 -3.90
C ALA A 98 14.76 24.32 -4.45
N LEU A 99 14.15 23.65 -5.43
CA LEU A 99 14.73 22.44 -6.00
C LEU A 99 15.66 22.76 -7.17
N GLN A 100 16.60 21.84 -7.41
CA GLN A 100 17.53 21.96 -8.51
C GLN A 100 16.78 21.93 -9.84
N PRO A 101 17.33 22.58 -10.88
CA PRO A 101 16.69 22.61 -12.20
C PRO A 101 16.05 21.28 -12.60
N ASN A 102 16.83 20.20 -12.52
CA ASN A 102 16.42 18.89 -12.97
C ASN A 102 15.68 18.05 -11.90
N GLU A 103 15.44 18.64 -10.72
CA GLU A 103 14.93 17.88 -9.59
C GLU A 103 13.41 17.77 -9.54
N TYR A 104 12.91 16.58 -9.25
CA TYR A 104 11.50 16.42 -8.90
C TYR A 104 11.36 15.80 -7.52
N ARG A 105 10.20 16.02 -6.92
CA ARG A 105 9.88 15.56 -5.59
C ARG A 105 8.41 15.12 -5.51
N LEU A 106 8.14 14.01 -4.84
CA LEU A 106 6.76 13.53 -4.63
C LEU A 106 6.39 13.49 -3.17
N LYS A 107 5.24 14.05 -2.84
CA LYS A 107 4.74 14.04 -1.46
C LYS A 107 3.40 13.35 -1.43
N ILE A 108 3.15 12.59 -0.37
CA ILE A 108 1.87 11.96 -0.15
C ILE A 108 1.37 12.30 1.23
N LYS A 109 0.23 12.97 1.30
CA LYS A 109 -0.40 13.28 2.57
C LYS A 109 0.56 14.14 3.42
N GLY A 110 1.28 15.04 2.76
CA GLY A 110 2.18 15.98 3.45
C GLY A 110 3.62 15.54 3.59
N ASN A 111 3.93 14.27 3.33
CA ASN A 111 5.30 13.77 3.51
C ASN A 111 6.02 13.48 2.19
N GLU A 112 7.28 13.87 2.11
CA GLU A 112 8.10 13.52 0.95
C GLU A 112 8.32 12.00 0.95
N VAL A 113 8.00 11.35 -0.16
CA VAL A 113 8.17 9.91 -0.27
C VAL A 113 9.14 9.56 -1.36
N ALA A 114 9.48 10.54 -2.18
CA ALA A 114 10.40 10.31 -3.28
C ALA A 114 10.98 11.61 -3.79
N LYS A 115 12.23 11.54 -4.23
CA LYS A 115 12.82 12.62 -5.01
C LYS A 115 13.70 12.03 -6.08
N GLY A 116 13.94 12.82 -7.12
CA GLY A 116 14.75 12.36 -8.25
C GLY A 116 15.16 13.49 -9.15
N GLU A 117 15.79 13.12 -10.26
CA GLU A 117 16.33 14.06 -11.23
C GLU A 117 16.11 13.54 -12.64
N LEU A 118 15.74 14.43 -13.55
CA LEU A 118 15.53 14.05 -14.94
C LEU A 118 16.31 14.92 -15.91
N LEU A 119 16.82 14.29 -16.95
CA LEU A 119 17.46 15.00 -18.06
C LEU A 119 16.59 14.77 -19.28
N LEU A 120 15.72 15.74 -19.57
CA LEU A 120 14.62 15.59 -20.53
C LEU A 120 15.10 15.24 -21.94
N ASP A 121 16.27 15.76 -22.31
CA ASP A 121 16.83 15.52 -23.63
C ASP A 121 17.59 14.18 -23.69
N HIS A 122 17.49 13.38 -22.63
CA HIS A 122 18.26 12.14 -22.53
C HIS A 122 17.41 10.86 -22.40
N TYR A 123 18.09 9.75 -22.15
CA TYR A 123 17.48 8.44 -21.95
C TYR A 123 18.29 7.65 -20.92
N LEU A 124 17.59 6.73 -20.23
CA LEU A 124 18.19 5.95 -19.14
C LEU A 124 18.35 4.47 -19.54
N ALA A 125 19.59 3.97 -19.47
CA ALA A 125 19.92 2.62 -19.93
C ALA A 125 19.86 1.55 -18.85
N THR A 166 18.20 -2.09 -21.37
CA THR A 166 16.93 -1.54 -21.86
C THR A 166 16.90 0.00 -21.70
N VAL A 167 16.16 0.67 -22.59
CA VAL A 167 16.22 2.14 -22.71
C VAL A 167 14.89 2.82 -22.41
N VAL A 168 14.92 3.77 -21.47
CA VAL A 168 13.70 4.44 -20.96
C VAL A 168 13.81 5.98 -21.06
N ASP A 169 12.79 6.60 -21.64
CA ASP A 169 12.72 8.07 -21.68
C ASP A 169 12.30 8.65 -20.30
N PRO A 170 12.62 9.93 -20.05
CA PRO A 170 12.52 10.49 -18.70
C PRO A 170 11.10 10.51 -18.12
N ALA A 171 10.14 10.82 -18.98
CA ALA A 171 8.74 10.89 -18.58
C ALA A 171 8.27 9.51 -18.09
N SER A 172 8.80 8.46 -18.69
CA SER A 172 8.55 7.08 -18.28
C SER A 172 9.23 6.75 -16.96
N VAL A 173 10.46 7.23 -16.78
CA VAL A 173 11.16 7.06 -15.51
C VAL A 173 10.33 7.63 -14.35
N VAL A 174 9.86 8.87 -14.50
CA VAL A 174 9.10 9.55 -13.45
C VAL A 174 7.73 8.89 -13.27
N SER A 175 7.16 8.39 -14.37
CA SER A 175 5.89 7.68 -14.36
C SER A 175 5.92 6.43 -13.51
N THR A 176 6.92 5.57 -13.73
CA THR A 176 7.02 4.34 -12.97
C THR A 176 7.50 4.62 -11.53
N HIS A 177 8.36 5.63 -11.35
CA HIS A 177 8.68 6.10 -9.99
C HIS A 177 7.45 6.58 -9.17
N ILE A 178 6.57 7.35 -9.80
CA ILE A 178 5.36 7.81 -9.15
C ILE A 178 4.44 6.64 -8.85
N THR A 179 4.22 5.77 -9.84
CA THR A 179 3.34 4.61 -9.66
C THR A 179 3.81 3.63 -8.57
N GLU A 180 5.10 3.36 -8.55
CA GLU A 180 5.68 2.53 -7.50
C GLU A 180 5.56 3.18 -6.13
N LYS A 181 5.72 4.49 -6.06
CA LYS A 181 5.60 5.16 -4.76
C LYS A 181 4.19 5.23 -4.25
N ILE A 182 3.24 5.44 -5.16
CA ILE A 182 1.83 5.41 -4.80
C ILE A 182 1.44 4.02 -4.31
N LYS A 183 2.00 2.98 -4.95
CA LYS A 183 1.73 1.59 -4.57
C LYS A 183 2.25 1.33 -3.16
N GLN A 184 3.43 1.86 -2.85
CA GLN A 184 4.00 1.66 -1.53
C GLN A 184 3.18 2.37 -0.44
N HIS A 185 2.45 3.43 -0.83
CA HIS A 185 1.73 4.27 0.12
C HIS A 185 0.22 4.27 -0.09
N ALA A 186 -0.30 3.33 -0.91
CA ALA A 186 -1.74 3.28 -1.28
C ALA A 186 -2.64 3.28 -0.07
N HIS A 187 -2.18 2.63 1.00
CA HIS A 187 -2.99 2.50 2.19
C HIS A 187 -3.16 3.84 2.88
N GLU A 188 -2.24 4.78 2.63
CA GLU A 188 -2.35 6.14 3.13
C GLU A 188 -3.32 6.98 2.32
N LEU A 189 -3.69 6.52 1.12
CA LEU A 189 -4.54 7.30 0.19
C LEU A 189 -6.00 6.86 0.11
N ILE A 190 -6.34 5.71 0.70
CA ILE A 190 -7.77 5.34 0.78
C ILE A 190 -8.42 6.14 1.92
N GLY A 191 -8.61 7.44 1.73
CA GLY A 191 -9.28 8.28 2.68
C GLY A 191 -10.79 8.12 2.67
N ARG A 192 -11.48 9.02 3.39
CA ARG A 192 -12.92 8.92 3.54
C ARG A 192 -13.60 9.19 2.23
N GLN A 193 -13.07 10.17 1.51
CA GLN A 193 -13.60 10.53 0.21
C GLN A 193 -13.57 9.31 -0.75
N GLU A 194 -12.44 8.60 -0.81
CA GLU A 194 -12.31 7.44 -1.70
C GLU A 194 -13.19 6.29 -1.20
N THR A 195 -13.25 6.09 0.11
CA THR A 195 -14.11 5.06 0.66
C THR A 195 -15.57 5.30 0.28
N LYS A 196 -16.03 6.54 0.43
CA LYS A 196 -17.39 6.89 0.05
C LYS A 196 -17.68 6.71 -1.43
N GLN A 197 -16.71 7.04 -2.25
CA GLN A 197 -16.87 6.86 -3.68
C GLN A 197 -17.12 5.37 -4.00
N LEU A 198 -16.35 4.48 -3.37
CA LEU A 198 -16.48 3.03 -3.56
C LEU A 198 -17.80 2.48 -3.03
N ILE A 199 -18.21 2.96 -1.87
CA ILE A 199 -19.47 2.57 -1.25
C ILE A 199 -20.63 3.02 -2.12
N ASP A 200 -20.60 4.27 -2.59
CA ASP A 200 -21.67 4.80 -3.44
C ASP A 200 -21.74 4.03 -4.76
N HIS A 201 -20.59 3.70 -5.34
CA HIS A 201 -20.50 2.89 -6.55
C HIS A 201 -21.10 1.49 -6.31
N LEU A 202 -20.78 0.90 -5.17
CA LEU A 202 -21.32 -0.41 -4.79
C LEU A 202 -22.82 -0.34 -4.58
N LYS A 203 -23.26 0.80 -4.08
CA LYS A 203 -24.67 1.01 -3.75
C LYS A 203 -25.55 0.96 -5.00
N GLU A 204 -25.02 1.39 -6.15
CA GLU A 204 -25.78 1.39 -7.42
C GLU A 204 -26.27 -0.01 -7.82
N SER A 205 -25.47 -1.03 -7.54
CA SER A 205 -25.81 -2.41 -7.90
C SER A 205 -26.19 -3.27 -6.69
N TYR A 206 -25.66 -2.90 -5.52
CA TYR A 206 -25.90 -3.64 -4.28
C TYR A 206 -26.40 -2.78 -3.09
N PRO A 207 -27.55 -2.09 -3.24
CA PRO A 207 -28.00 -1.22 -2.15
C PRO A 207 -28.41 -1.98 -0.88
N VAL A 208 -28.95 -3.19 -1.02
CA VAL A 208 -29.39 -3.96 0.14
C VAL A 208 -28.16 -4.40 0.94
N LEU A 209 -27.15 -4.85 0.22
CA LEU A 209 -25.92 -5.27 0.83
C LEU A 209 -25.24 -4.10 1.57
N VAL A 210 -25.14 -2.96 0.90
CA VAL A 210 -24.52 -1.79 1.50
C VAL A 210 -25.26 -1.35 2.77
N GLU A 211 -26.58 -1.33 2.69
CA GLU A 211 -27.43 -0.85 3.77
C GLU A 211 -27.33 -1.75 4.97
N GLU A 212 -27.05 -3.03 4.72
CA GLU A 212 -26.86 -3.99 5.80
C GLU A 212 -25.55 -3.70 6.54
N VAL A 213 -24.59 -3.13 5.82
CA VAL A 213 -23.27 -2.94 6.38
C VAL A 213 -23.12 -1.59 7.10
N THR A 214 -23.68 -0.54 6.52
CA THR A 214 -23.27 0.84 6.85
C THR A 214 -24.47 1.77 6.73
N PRO A 215 -24.57 2.80 7.62
CA PRO A 215 -23.68 3.16 8.73
C PRO A 215 -23.86 2.31 10.00
N ASN A 216 -24.76 1.33 10.00
CA ASN A 216 -24.88 0.41 11.13
C ASN A 216 -24.89 -1.04 10.63
N PRO A 217 -23.99 -1.89 11.14
CA PRO A 217 -23.11 -1.68 12.32
C PRO A 217 -21.83 -0.91 12.07
N LEU A 218 -21.44 -0.76 10.81
CA LEU A 218 -20.14 -0.21 10.49
C LEU A 218 -20.20 1.21 9.93
N SER A 219 -19.44 2.12 10.53
CA SER A 219 -19.33 3.48 10.00
C SER A 219 -18.49 3.49 8.73
N VAL A 220 -18.59 4.57 7.94
CA VAL A 220 -17.65 4.74 6.82
C VAL A 220 -16.19 4.60 7.31
N GLY A 221 -15.91 5.15 8.49
CA GLY A 221 -14.56 5.14 9.07
C GLY A 221 -14.05 3.75 9.37
N ASP A 222 -14.93 2.89 9.87
CA ASP A 222 -14.60 1.49 10.08
C ASP A 222 -14.23 0.77 8.77
N ILE A 223 -15.02 1.00 7.73
CA ILE A 223 -14.78 0.38 6.42
C ILE A 223 -13.47 0.85 5.83
N GLN A 224 -13.24 2.17 5.88
CA GLN A 224 -12.00 2.81 5.48
C GLN A 224 -10.75 2.13 6.06
N LYS A 225 -10.76 1.87 7.37
CA LYS A 225 -9.66 1.12 8.04
C LYS A 225 -9.47 -0.31 7.51
N VAL A 226 -10.55 -1.04 7.25
CA VAL A 226 -10.41 -2.35 6.62
C VAL A 226 -9.76 -2.24 5.25
N LEU A 227 -10.27 -1.31 4.43
CA LEU A 227 -9.71 -1.10 3.10
C LEU A 227 -8.23 -0.69 3.16
N ALA A 228 -7.87 0.17 4.10
CA ALA A 228 -6.49 0.59 4.24
C ALA A 228 -5.61 -0.57 4.67
N LYS A 229 -6.10 -1.40 5.56
CA LYS A 229 -5.35 -2.55 6.02
C LYS A 229 -5.15 -3.60 4.89
N LEU A 230 -6.17 -3.79 4.04
CA LEU A 230 -5.99 -4.57 2.83
C LEU A 230 -4.91 -3.99 1.91
N LEU A 231 -5.03 -2.71 1.57
CA LEU A 231 -4.05 -2.06 0.66
C LEU A 231 -2.65 -2.10 1.23
N LYS A 232 -2.54 -1.93 2.54
CA LYS A 232 -1.27 -1.97 3.21
C LYS A 232 -0.48 -3.22 2.89
N GLU A 233 -1.17 -4.37 2.87
CA GLU A 233 -0.53 -5.63 2.54
C GLU A 233 -0.69 -6.02 1.07
N LYS A 234 -1.07 -5.06 0.24
CA LYS A 234 -1.07 -5.26 -1.23
C LYS A 234 -2.23 -6.16 -1.68
N VAL A 235 -3.28 -6.22 -0.88
CA VAL A 235 -4.45 -6.98 -1.24
C VAL A 235 -5.32 -6.00 -1.98
N SER A 236 -5.56 -6.27 -3.25
CA SER A 236 -6.47 -5.44 -4.03
C SER A 236 -7.87 -5.35 -3.36
N ILE A 237 -8.49 -4.18 -3.47
CA ILE A 237 -9.86 -3.97 -3.00
C ILE A 237 -10.87 -3.86 -4.15
N ARG A 238 -10.53 -4.41 -5.34
CA ARG A 238 -11.49 -4.50 -6.45
C ARG A 238 -12.75 -5.32 -6.19
N ASN A 239 -12.63 -6.39 -5.41
CA ASN A 239 -13.74 -7.27 -5.15
C ASN A 239 -14.55 -6.71 -3.97
N LEU A 240 -15.28 -5.65 -4.25
CA LEU A 240 -16.03 -4.94 -3.25
C LEU A 240 -17.21 -5.76 -2.74
N VAL A 241 -17.79 -6.58 -3.64
CA VAL A 241 -18.90 -7.44 -3.28
C VAL A 241 -18.53 -8.40 -2.15
N THR A 242 -17.46 -9.14 -2.38
CA THR A 242 -17.00 -10.12 -1.40
C THR A 242 -16.58 -9.43 -0.11
N ILE A 243 -15.82 -8.32 -0.21
CA ILE A 243 -15.46 -7.52 0.95
C ILE A 243 -16.69 -7.15 1.81
N PHE A 244 -17.69 -6.57 1.17
CA PHE A 244 -18.91 -6.15 1.87
C PHE A 244 -19.80 -7.30 2.39
N GLU A 245 -19.84 -8.42 1.67
CA GLU A 245 -20.57 -9.62 2.14
C GLU A 245 -19.91 -10.13 3.44
N THR A 246 -18.59 -10.09 3.47
CA THR A 246 -17.84 -10.49 4.68
C THR A 246 -18.11 -9.49 5.81
N LEU A 247 -18.07 -8.21 5.49
CA LEU A 247 -18.40 -7.20 6.49
C LEU A 247 -19.83 -7.35 7.00
N ALA A 248 -20.78 -7.69 6.12
CA ALA A 248 -22.17 -7.87 6.52
C ALA A 248 -22.28 -9.05 7.50
N ASP A 249 -21.55 -10.12 7.21
CA ASP A 249 -21.60 -11.36 7.95
C ASP A 249 -20.97 -11.26 9.33
N TYR A 250 -20.03 -10.34 9.48
CA TYR A 250 -19.28 -10.24 10.74
C TYR A 250 -19.49 -8.91 11.49
N GLY A 251 -19.92 -7.87 10.79
CA GLY A 251 -20.06 -6.53 11.36
C GLY A 251 -20.90 -6.43 12.64
N LYS A 252 -21.85 -7.34 12.81
CA LYS A 252 -22.70 -7.34 13.99
C LYS A 252 -22.06 -8.07 15.18
N LEU A 253 -21.03 -8.84 14.88
CA LEU A 253 -20.31 -9.63 15.88
C LEU A 253 -19.11 -8.85 16.37
N THR A 254 -18.61 -7.94 15.53
CA THR A 254 -17.43 -7.14 15.84
C THR A 254 -17.29 -5.94 14.92
N THR A 255 -16.86 -4.81 15.50
CA THR A 255 -16.49 -3.64 14.69
C THR A 255 -14.99 -3.42 14.68
N ASP A 256 -14.26 -4.37 15.27
CA ASP A 256 -12.79 -4.31 15.29
C ASP A 256 -12.21 -4.51 13.89
N SER A 257 -11.56 -3.47 13.37
CA SER A 257 -11.10 -3.47 11.99
C SER A 257 -9.94 -4.42 11.78
N ASP A 258 -9.13 -4.65 12.80
CA ASP A 258 -8.13 -5.73 12.70
C ASP A 258 -8.78 -7.11 12.43
N LEU A 259 -9.80 -7.47 13.21
CA LEU A 259 -10.47 -8.77 13.02
C LEU A 259 -11.30 -8.82 11.72
N LEU A 260 -11.98 -7.74 11.40
CA LEU A 260 -12.75 -7.68 10.17
C LEU A 260 -11.86 -7.92 8.97
N THR A 261 -10.60 -7.44 9.04
CA THR A 261 -9.71 -7.64 7.93
C THR A 261 -9.15 -9.06 7.81
N GLU A 262 -8.94 -9.76 8.93
CA GLU A 262 -8.59 -11.19 8.89
C GLU A 262 -9.69 -12.01 8.17
N TYR A 263 -10.95 -11.78 8.53
CA TYR A 263 -12.07 -12.46 7.86
C TYR A 263 -12.17 -12.11 6.40
N THR A 264 -11.92 -10.84 6.08
CA THR A 264 -11.98 -10.40 4.68
C THR A 264 -10.86 -11.03 3.85
N ARG A 265 -9.63 -10.98 4.36
CA ARG A 265 -8.51 -11.67 3.69
C ARG A 265 -8.85 -13.15 3.40
N GLN A 266 -9.38 -13.86 4.39
CA GLN A 266 -9.81 -15.27 4.19
C GLN A 266 -10.87 -15.37 3.08
N ALA A 267 -11.86 -14.49 3.12
CA ALA A 267 -12.90 -14.51 2.08
C ALA A 267 -12.33 -14.27 0.69
N LEU A 268 -11.16 -13.63 0.65
CA LEU A 268 -10.46 -13.27 -0.59
C LEU A 268 -9.34 -14.28 -0.95
N ALA A 269 -9.44 -15.50 -0.42
CA ALA A 269 -8.45 -16.58 -0.67
C ALA A 269 -8.14 -16.78 -2.17
N LYS A 270 -9.17 -16.87 -3.00
CA LYS A 270 -8.96 -17.05 -4.44
C LYS A 270 -8.07 -15.94 -5.02
N GLN A 271 -8.41 -14.69 -4.71
CA GLN A 271 -7.63 -13.55 -5.15
C GLN A 271 -6.19 -13.58 -4.63
N ILE A 272 -6.03 -13.88 -3.35
CA ILE A 272 -4.71 -13.88 -2.77
C ILE A 272 -3.84 -15.04 -3.33
N THR A 273 -4.44 -16.22 -3.54
CA THR A 273 -3.69 -17.29 -4.14
C THR A 273 -3.26 -16.93 -5.58
N ALA A 274 -4.17 -16.34 -6.37
CA ALA A 274 -3.78 -15.90 -7.72
C ALA A 274 -2.64 -14.88 -7.69
N GLN A 275 -2.59 -14.07 -6.64
CA GLN A 275 -1.57 -13.03 -6.55
C GLN A 275 -0.15 -13.59 -6.34
N PHE A 276 -0.08 -14.75 -5.68
CA PHE A 276 1.20 -15.30 -5.28
C PHE A 276 1.57 -16.63 -5.95
N ALA A 277 0.58 -17.47 -6.23
CA ALA A 277 0.79 -18.81 -6.76
C ALA A 277 0.68 -18.83 -8.28
N LYS A 278 1.50 -19.69 -8.89
CA LYS A 278 1.47 -19.90 -10.34
C LYS A 278 0.66 -21.15 -10.64
N GLU A 279 0.09 -21.21 -11.84
CA GLU A 279 -0.76 -22.33 -12.25
C GLU A 279 -0.02 -23.66 -12.26
N ASN A 280 -0.59 -24.65 -11.56
CA ASN A 280 -0.08 -26.03 -11.50
C ASN A 280 1.38 -26.16 -11.05
N GLU A 281 1.94 -25.07 -10.54
CA GLU A 281 3.31 -25.03 -10.05
C GLU A 281 3.32 -24.96 -8.53
N VAL A 282 4.25 -25.68 -7.91
CA VAL A 282 4.45 -25.64 -6.47
C VAL A 282 5.00 -24.29 -6.03
N LEU A 283 4.36 -23.71 -5.02
CA LEU A 283 4.73 -22.42 -4.47
C LEU A 283 5.79 -22.58 -3.38
N LYS A 284 6.89 -21.83 -3.53
CA LYS A 284 8.00 -21.86 -2.57
C LYS A 284 7.69 -21.00 -1.35
N VAL A 285 7.50 -21.64 -0.19
CA VAL A 285 7.00 -20.96 1.02
C VAL A 285 7.77 -21.33 2.29
N VAL A 286 8.29 -20.31 2.98
CA VAL A 286 8.86 -20.49 4.33
C VAL A 286 7.72 -20.64 5.33
N THR A 287 7.82 -21.63 6.22
CA THR A 287 6.84 -21.78 7.28
C THR A 287 7.41 -21.32 8.63
N CYS A 288 6.58 -21.42 9.66
CA CYS A 288 6.98 -21.01 11.01
C CYS A 288 6.97 -22.20 11.94
N SER A 289 8.01 -22.29 12.78
CA SER A 289 8.14 -23.35 13.78
C SER A 289 6.91 -23.44 14.69
N GLY A 290 6.75 -24.56 15.36
CA GLY A 290 5.73 -24.66 16.40
C GLY A 290 6.10 -23.76 17.55
N ARG A 291 7.41 -23.63 17.78
CA ARG A 291 7.97 -22.76 18.82
C ARG A 291 7.67 -21.28 18.55
N VAL A 292 8.00 -20.82 17.35
CA VAL A 292 7.76 -19.43 16.97
C VAL A 292 6.27 -19.10 17.07
N GLU A 293 5.45 -20.04 16.64
CA GLU A 293 3.99 -19.91 16.68
C GLU A 293 3.45 -19.84 18.11
N LYS A 294 3.99 -20.65 19.02
CA LYS A 294 3.57 -20.60 20.43
C LYS A 294 4.05 -19.33 21.15
N ALA A 295 5.25 -18.87 20.81
CA ALA A 295 5.85 -17.68 21.43
C ALA A 295 5.11 -16.39 21.11
N ILE A 296 4.55 -16.31 19.91
CA ILE A 296 3.73 -15.16 19.51
C ILE A 296 2.36 -15.22 20.19
N ALA A 297 1.74 -16.40 20.20
CA ALA A 297 0.43 -16.60 20.81
C ALA A 297 0.44 -16.21 22.29
N ASP A 298 1.52 -16.59 22.99
CA ASP A 298 1.73 -16.27 24.40
C ASP A 298 1.75 -14.77 24.67
N GLY A 299 2.43 -14.03 23.78
CA GLY A 299 2.60 -12.58 23.95
C GLY A 299 1.37 -11.73 23.67
N VAL A 300 0.33 -12.32 23.11
CA VAL A 300 -0.93 -11.61 22.83
C VAL A 300 -1.65 -11.22 24.12
N GLN A 301 -1.99 -9.94 24.23
CA GLN A 301 -2.58 -9.37 25.44
C GLN A 301 -4.08 -9.13 25.31
N TYR A 308 -1.53 -5.58 19.85
CA TYR A 308 -0.85 -5.59 21.14
C TYR A 308 -0.03 -6.89 21.33
N LEU A 309 1.00 -7.03 20.51
CA LEU A 309 1.95 -8.13 20.64
C LEU A 309 3.18 -7.65 21.40
N SER A 310 3.18 -7.89 22.71
CA SER A 310 4.32 -7.56 23.56
C SER A 310 5.16 -8.80 23.80
N LEU A 311 6.43 -8.71 23.40
CA LEU A 311 7.41 -9.77 23.63
C LEU A 311 8.76 -9.16 24.05
N GLU A 312 9.43 -9.82 24.99
CA GLU A 312 10.74 -9.32 25.50
C GLU A 312 11.80 -9.25 24.38
N PRO A 313 12.56 -8.14 24.35
CA PRO A 313 13.47 -7.77 23.24
C PRO A 313 14.31 -8.91 22.66
N ASP A 314 14.71 -9.86 23.51
CA ASP A 314 15.55 -10.98 23.07
C ASP A 314 14.81 -11.97 22.16
N ILE A 315 13.52 -12.19 22.42
CA ILE A 315 12.70 -13.06 21.57
C ILE A 315 12.51 -12.49 20.17
N SER A 316 12.15 -11.21 20.09
CA SER A 316 11.87 -10.55 18.80
C SER A 316 13.06 -10.61 17.84
N GLU A 317 14.22 -10.17 18.30
CA GLU A 317 15.46 -10.24 17.51
C GLU A 317 15.72 -11.65 16.98
N SER A 318 15.37 -12.65 17.78
CA SER A 318 15.59 -14.07 17.45
C SER A 318 14.70 -14.55 16.30
N ILE A 319 13.42 -14.22 16.38
CA ILE A 319 12.49 -14.53 15.29
C ILE A 319 12.84 -13.72 14.05
N VAL A 320 13.24 -12.46 14.26
CA VAL A 320 13.61 -11.56 13.15
C VAL A 320 14.75 -12.12 12.31
N ARG A 321 15.80 -12.63 12.95
CA ARG A 321 16.93 -13.19 12.21
C ARG A 321 16.63 -14.53 11.53
N SER A 322 15.85 -15.41 12.19
CA SER A 322 15.43 -16.68 11.59
C SER A 322 14.76 -16.36 10.26
N VAL A 323 13.79 -15.44 10.30
CA VAL A 323 13.11 -14.91 9.12
C VAL A 323 14.11 -14.35 8.11
N ALA A 324 15.05 -13.54 8.58
CA ALA A 324 16.04 -12.89 7.71
C ALA A 324 16.96 -13.87 6.98
N LYS A 325 17.39 -14.91 7.68
CA LYS A 325 18.28 -15.91 7.12
C LYS A 325 17.55 -16.81 6.12
N GLU A 326 16.30 -17.13 6.45
CA GLU A 326 15.46 -17.96 5.59
C GLU A 326 15.06 -17.22 4.32
N ALA A 327 14.77 -15.93 4.48
CA ALA A 327 14.35 -15.08 3.37
C ALA A 327 15.47 -14.91 2.36
N GLU A 328 16.69 -14.81 2.85
CA GLU A 328 17.86 -14.67 1.99
C GLU A 328 17.93 -15.81 0.99
N GLN A 329 17.72 -17.04 1.47
CA GLN A 329 17.75 -18.25 0.65
C GLN A 329 16.81 -18.18 -0.57
N LEU A 330 15.61 -17.68 -0.38
CA LEU A 330 14.62 -17.59 -1.47
C LEU A 330 15.05 -16.59 -2.54
N SER A 331 15.45 -15.40 -2.11
CA SER A 331 15.90 -14.33 -3.01
C SER A 331 17.30 -14.59 -3.60
N LEU A 332 18.02 -15.53 -2.99
CA LEU A 332 19.26 -16.06 -3.58
C LEU A 332 18.96 -16.87 -4.84
N ARG A 333 17.74 -17.41 -4.92
CA ARG A 333 17.35 -18.30 -6.01
C ARG A 333 16.25 -17.70 -6.90
N GLN A 334 16.27 -16.37 -7.03
CA GLN A 334 15.36 -15.62 -7.89
C GLN A 334 13.86 -15.81 -7.56
N GLU A 335 13.58 -16.16 -6.30
CA GLU A 335 12.21 -16.42 -5.86
C GLU A 335 11.68 -15.34 -4.93
N THR A 336 10.36 -15.09 -5.01
CA THR A 336 9.65 -14.16 -4.12
C THR A 336 9.46 -14.82 -2.76
N ALA A 337 9.98 -14.19 -1.71
CA ALA A 337 9.89 -14.75 -0.37
C ALA A 337 8.52 -14.53 0.27
N ILE A 338 7.84 -15.63 0.60
CA ILE A 338 6.53 -15.61 1.25
C ILE A 338 6.61 -16.38 2.57
N LEU A 339 5.79 -16.01 3.55
CA LEU A 339 5.74 -16.69 4.86
C LEU A 339 4.33 -17.20 5.21
N LEU A 340 4.19 -18.50 5.45
CA LEU A 340 2.93 -19.08 5.90
C LEU A 340 2.91 -19.33 7.39
N CYS A 341 1.75 -19.15 8.00
CA CYS A 341 1.54 -19.43 9.41
C CYS A 341 0.07 -19.67 9.65
N SER A 342 -0.29 -20.04 10.88
CA SER A 342 -1.68 -20.34 11.19
C SER A 342 -2.46 -19.06 11.34
N PRO A 343 -3.77 -19.11 11.03
CA PRO A 343 -4.66 -17.93 11.07
C PRO A 343 -4.64 -17.09 12.36
N PRO A 344 -4.73 -17.70 13.56
CA PRO A 344 -4.81 -16.83 14.76
C PRO A 344 -3.51 -16.07 15.08
N VAL A 345 -2.44 -16.42 14.38
CA VAL A 345 -1.11 -15.86 14.63
C VAL A 345 -0.69 -14.86 13.54
N ARG A 346 -1.27 -15.03 12.36
CA ARG A 346 -0.91 -14.32 11.13
C ARG A 346 -0.80 -12.80 11.27
N MET A 347 -1.86 -12.17 11.76
CA MET A 347 -1.88 -10.72 11.96
C MET A 347 -0.77 -10.26 12.92
N TYR A 348 -0.47 -11.06 13.94
CA TYR A 348 0.58 -10.70 14.90
C TYR A 348 2.00 -10.88 14.35
N VAL A 349 2.21 -11.95 13.56
CA VAL A 349 3.49 -12.16 12.89
C VAL A 349 3.80 -10.95 12.01
N LYS A 350 2.78 -10.48 11.29
CA LYS A 350 2.89 -9.33 10.40
C LYS A 350 3.28 -8.04 11.13
N GLN A 351 2.58 -7.76 12.24
CA GLN A 351 2.90 -6.61 13.09
C GLN A 351 4.39 -6.61 13.49
N LEU A 352 4.85 -7.77 13.96
CA LEU A 352 6.23 -7.95 14.38
C LEU A 352 7.26 -7.70 13.29
N LEU A 353 7.02 -8.24 12.10
CA LEU A 353 7.99 -8.14 11.01
C LEU A 353 7.95 -6.83 10.25
N GLU A 354 6.93 -6.00 10.55
CA GLU A 354 6.62 -4.79 9.78
C GLU A 354 7.80 -3.85 9.64
N ARG A 355 8.45 -3.52 10.75
CA ARG A 355 9.56 -2.58 10.76
C ARG A 355 10.84 -3.18 10.16
N TYR A 356 10.94 -4.51 10.20
CA TYR A 356 12.15 -5.21 9.74
C TYR A 356 12.11 -5.54 8.26
N PHE A 357 10.98 -6.12 7.80
CA PHE A 357 10.70 -6.19 6.38
C PHE A 357 9.23 -5.95 6.08
N PRO A 358 8.89 -4.70 5.74
CA PRO A 358 7.53 -4.26 5.43
C PRO A 358 6.86 -5.12 4.38
N ASP A 359 7.57 -5.42 3.29
CA ASP A 359 6.98 -6.13 2.16
C ASP A 359 7.31 -7.62 2.04
N LEU A 360 7.45 -8.30 3.17
CA LEU A 360 7.40 -9.76 3.20
C LEU A 360 5.95 -10.21 3.37
N PRO A 361 5.38 -10.83 2.32
CA PRO A 361 3.99 -11.28 2.45
C PRO A 361 3.87 -12.36 3.51
N VAL A 362 3.00 -12.11 4.48
CA VAL A 362 2.71 -13.07 5.54
C VAL A 362 1.30 -13.58 5.31
N LEU A 363 1.21 -14.84 4.93
CA LEU A 363 -0.09 -15.44 4.60
C LEU A 363 -0.52 -16.41 5.67
N SER A 364 -1.82 -16.67 5.73
CA SER A 364 -2.33 -17.79 6.52
C SER A 364 -2.78 -18.94 5.60
N TYR A 365 -2.79 -20.16 6.13
CA TYR A 365 -3.14 -21.35 5.35
C TYR A 365 -4.51 -21.24 4.72
N ASN A 366 -5.42 -20.56 5.42
CA ASN A 366 -6.80 -20.38 4.95
C ASN A 366 -6.97 -19.27 3.90
N GLU A 367 -5.87 -18.69 3.45
CA GLU A 367 -5.88 -17.67 2.40
C GLU A 367 -5.36 -18.28 1.11
N LEU A 368 -4.75 -19.46 1.24
CA LEU A 368 -4.44 -20.29 0.07
C LEU A 368 -5.55 -21.28 -0.18
N GLU A 369 -6.03 -21.34 -1.41
CA GLU A 369 -7.04 -22.29 -1.83
C GLU A 369 -6.58 -23.72 -1.60
N ALA A 370 -7.54 -24.59 -1.29
CA ALA A 370 -7.24 -26.01 -0.97
C ALA A 370 -6.40 -26.72 -2.03
N ASN A 371 -6.58 -26.33 -3.30
CA ASN A 371 -5.91 -26.98 -4.43
C ASN A 371 -4.45 -26.59 -4.65
N VAL A 372 -3.91 -25.76 -3.75
CA VAL A 372 -2.56 -25.19 -3.94
C VAL A 372 -1.46 -26.08 -3.35
N GLU A 373 -0.45 -26.37 -4.17
CA GLU A 373 0.70 -27.18 -3.75
C GLU A 373 1.75 -26.31 -3.06
N VAL A 374 1.85 -26.45 -1.74
CA VAL A 374 2.78 -25.64 -0.95
C VAL A 374 3.87 -26.48 -0.28
N GLN A 375 5.11 -26.00 -0.37
CA GLN A 375 6.26 -26.70 0.20
C GLN A 375 7.24 -25.75 0.89
N SER A 376 7.65 -26.13 2.11
CA SER A 376 8.63 -25.39 2.89
C SER A 376 10.05 -25.57 2.36
N ILE A 377 10.83 -24.50 2.44
CA ILE A 377 12.23 -24.48 2.02
C ILE A 377 13.08 -24.04 3.20
N GLY A 378 12.45 -23.31 4.11
CA GLY A 378 13.04 -22.94 5.38
C GLY A 378 11.96 -22.92 6.45
N VAL A 379 12.34 -23.23 7.68
CA VAL A 379 11.41 -23.15 8.81
C VAL A 379 11.95 -22.13 9.82
N VAL A 380 11.17 -21.06 10.02
CA VAL A 380 11.50 -19.99 10.97
C VAL A 380 11.53 -20.54 12.40
N ASP A 381 12.67 -20.36 13.07
CA ASP A 381 12.91 -20.84 14.44
C ASP A 381 13.13 -19.66 15.38
#